data_4BAN
#
_entry.id   4BAN
#
_cell.length_a   69.410
_cell.length_b   71.510
_cell.length_c   72.160
_cell.angle_alpha   90.00
_cell.angle_beta   100.34
_cell.angle_gamma   90.00
#
_symmetry.space_group_name_H-M   'C 1 2 1'
#
loop_
_entity.id
_entity.type
_entity.pdbx_description
1 polymer 'THROMBIN LIGHT CHAIN'
2 polymer 'THROMBIN HEAVY CHAIN'
3 polymer 'HIRUDIN VARIANT-2'
4 non-polymer 2-acetamido-2-deoxy-beta-D-glucopyranose
5 non-polymer (2S)-N-[(4-carbamimidoylphenyl)methyl]-1-[(2R)-2-cyclohexyl-2-[[2-(methylamino)-2-oxidanylidene-ethyl]amino]ethanoyl]azetidine-2-carboxamide
6 non-polymer 'SODIUM ION'
7 water water
#
loop_
_entity_poly.entity_id
_entity_poly.type
_entity_poly.pdbx_seq_one_letter_code
_entity_poly.pdbx_strand_id
1 'polypeptide(L)' TFGSGEADCGLRPLFEKKSLEDKTERELLESYIDGR A
2 'polypeptide(L)'
;IVEGSDAEIGMSPWQVMLFRKSPQELLCGASLISDRWVLTAAHCLLYPPWDKNFTENDLLVRIGKHSRTRYERNIEKISM
LEKIYIHPRYNWRENLDRDIALMKLKKPVAFSDYIHPVCLPDRETAASLLQAGYKGRVTGWGNLKETWTANVGKGQPSVL
QVVNLPIVERPVCKDSTRIRITDNMFCAGYKPDEGKRGDACEGDSGGPFVMKSPFNNRWYQMGIVSWGEGCDRDGKYGFY
THVFRLKKWIQKVIDQFGE
;
B
3 'polypeptide(L)' DGDFEEIPEE(TYS)L D
#
# COMPACT_ATOMS: atom_id res chain seq x y z
N ALA A 7 18.53 -9.43 4.62
CA ALA A 7 17.67 -9.87 5.73
C ALA A 7 16.57 -10.85 5.24
N ASP A 8 15.47 -10.95 6.00
CA ASP A 8 14.34 -11.81 5.69
C ASP A 8 13.14 -11.01 5.13
N CYS A 9 13.39 -9.76 4.63
CA CYS A 9 12.29 -8.95 4.08
C CYS A 9 11.57 -9.72 2.95
N GLY A 10 10.27 -9.50 2.86
CA GLY A 10 9.44 -10.01 1.77
C GLY A 10 9.23 -11.51 1.68
N LEU A 11 9.60 -12.24 2.76
CA LEU A 11 9.36 -13.69 2.85
C LEU A 11 8.35 -13.87 3.96
N ARG A 12 7.17 -14.35 3.59
CA ARG A 12 6.07 -14.46 4.56
C ARG A 12 6.15 -15.69 5.41
N PRO A 13 6.01 -15.52 6.75
CA PRO A 13 6.07 -16.70 7.65
C PRO A 13 5.07 -17.80 7.31
N LEU A 14 3.88 -17.43 6.82
CA LEU A 14 2.84 -18.42 6.52
C LEU A 14 2.82 -18.93 5.08
N PHE A 15 3.71 -18.38 4.24
CA PHE A 15 3.77 -18.74 2.83
C PHE A 15 5.20 -19.15 2.43
N GLU A 16 6.06 -18.20 1.97
CA GLU A 16 7.42 -18.54 1.54
C GLU A 16 8.22 -19.33 2.57
N LYS A 17 8.14 -18.92 3.87
CA LYS A 17 8.90 -19.61 4.93
C LYS A 17 8.53 -21.07 5.12
N LYS A 18 7.32 -21.46 4.73
CA LYS A 18 6.77 -22.82 4.81
C LYS A 18 6.69 -23.48 3.45
N SER A 19 7.11 -22.78 2.37
CA SER A 19 6.99 -23.24 0.97
C SER A 19 5.50 -23.49 0.60
N LEU A 20 4.61 -22.60 1.09
CA LEU A 20 3.20 -22.64 0.75
C LEU A 20 2.92 -21.45 -0.15
N GLU A 21 2.10 -21.65 -1.16
CA GLU A 21 1.73 -20.60 -2.10
C GLU A 21 0.35 -20.09 -1.78
N ASP A 22 0.15 -18.76 -1.95
CA ASP A 22 -1.20 -18.24 -1.75
C ASP A 22 -2.03 -18.53 -3.03
N LYS A 23 -3.33 -18.29 -2.98
CA LYS A 23 -4.26 -18.64 -4.08
C LYS A 23 -4.09 -17.94 -5.42
N THR A 24 -3.48 -16.74 -5.45
CA THR A 24 -3.35 -16.00 -6.72
C THR A 24 -1.92 -15.59 -7.09
N GLU A 25 -0.90 -15.91 -6.28
CA GLU A 25 0.47 -15.50 -6.63
C GLU A 25 0.95 -16.05 -7.99
N ARG A 26 0.43 -17.22 -8.43
CA ARG A 26 0.75 -17.80 -9.74
C ARG A 26 0.35 -16.84 -10.87
N GLU A 27 -0.80 -16.12 -10.70
CA GLU A 27 -1.27 -15.12 -11.67
C GLU A 27 -0.18 -14.05 -11.88
N LEU A 28 0.49 -13.64 -10.79
CA LEU A 28 1.57 -12.65 -10.93
C LEU A 28 2.73 -13.28 -11.67
N LEU A 29 3.16 -14.48 -11.24
CA LEU A 29 4.27 -15.17 -11.89
C LEU A 29 4.03 -15.35 -13.39
N GLU A 30 2.82 -15.79 -13.77
CA GLU A 30 2.47 -16.00 -15.19
C GLU A 30 2.52 -14.72 -16.04
N SER A 31 2.32 -13.55 -15.41
CA SER A 31 2.38 -12.26 -16.09
C SER A 31 3.85 -11.79 -16.32
N TYR A 32 4.83 -12.41 -15.62
CA TYR A 32 6.25 -12.02 -15.76
C TYR A 32 6.83 -12.83 -16.91
N ILE A 33 6.43 -12.45 -18.13
CA ILE A 33 6.73 -13.17 -19.37
C ILE A 33 8.13 -12.93 -19.91
N ASP A 34 10.41 -10.15 -20.70
N ILE B 1 -10.92 -1.35 -1.85
CA ILE B 1 -10.64 -2.16 -3.02
C ILE B 1 -11.93 -2.55 -3.68
N VAL B 2 -12.05 -2.23 -4.96
CA VAL B 2 -13.24 -2.53 -5.76
C VAL B 2 -12.94 -3.79 -6.58
N GLU B 3 -13.85 -4.78 -6.59
CA GLU B 3 -13.75 -6.00 -7.40
C GLU B 3 -12.53 -6.86 -7.07
N GLY B 4 -12.18 -6.90 -5.78
CA GLY B 4 -11.10 -7.72 -5.26
C GLY B 4 -11.69 -8.92 -4.53
N SER B 5 -10.90 -9.51 -3.64
CA SER B 5 -11.30 -10.68 -2.86
C SER B 5 -10.79 -10.54 -1.45
N ASP B 6 -11.34 -11.34 -0.50
CA ASP B 6 -10.83 -11.35 0.87
C ASP B 6 -9.42 -11.90 0.82
N ALA B 7 -8.50 -11.25 1.54
CA ALA B 7 -7.12 -11.72 1.69
C ALA B 7 -7.13 -13.03 2.47
N GLU B 8 -6.08 -13.85 2.30
CA GLU B 8 -5.90 -15.06 3.13
C GLU B 8 -5.18 -14.60 4.37
N ILE B 9 -5.24 -15.36 5.45
CA ILE B 9 -4.53 -15.01 6.69
C ILE B 9 -3.01 -15.01 6.42
N GLY B 10 -2.30 -13.97 6.85
CA GLY B 10 -0.86 -13.83 6.68
C GLY B 10 -0.40 -13.58 5.25
N MET B 11 -1.33 -13.24 4.35
CA MET B 11 -1.04 -13.00 2.94
C MET B 11 -0.24 -11.72 2.69
N SER B 12 -0.46 -10.69 3.51
CA SER B 12 0.17 -9.38 3.37
C SER B 12 0.61 -8.93 4.76
N PRO B 13 1.64 -9.60 5.33
CA PRO B 13 2.04 -9.30 6.72
C PRO B 13 2.69 -7.94 6.97
N TRP B 14 3.00 -7.23 5.88
CA TRP B 14 3.54 -5.87 5.92
C TRP B 14 2.39 -4.84 5.90
N GLN B 15 1.13 -5.29 5.77
CA GLN B 15 -0.01 -4.37 5.69
C GLN B 15 -0.18 -3.62 6.99
N VAL B 16 -0.29 -2.29 6.90
CA VAL B 16 -0.47 -1.47 8.09
C VAL B 16 -1.77 -0.69 7.93
N MET B 17 -2.51 -0.53 9.04
CA MET B 17 -3.69 0.33 9.02
C MET B 17 -3.31 1.64 9.76
N LEU B 18 -3.53 2.79 9.11
CA LEU B 18 -3.35 4.09 9.75
C LEU B 18 -4.69 4.39 10.35
N PHE B 19 -4.73 4.52 11.67
CA PHE B 19 -5.99 4.65 12.41
C PHE B 19 -6.07 5.95 13.18
N ARG B 20 -7.15 6.71 12.93
CA ARG B 20 -7.43 8.00 13.58
C ARG B 20 -7.99 7.71 14.97
N LYS B 21 -7.38 8.28 16.03
CA LYS B 21 -7.79 8.11 17.43
C LYS B 21 -9.20 8.66 17.73
N SER B 22 -9.52 9.86 17.22
CA SER B 22 -10.81 10.51 17.45
C SER B 22 -11.23 11.41 16.29
N PRO B 23 -12.37 11.10 15.60
CA PRO B 23 -13.26 9.94 15.78
C PRO B 23 -12.47 8.68 15.38
N GLN B 24 -12.78 7.53 16.01
CA GLN B 24 -12.12 6.25 15.73
C GLN B 24 -12.47 5.80 14.33
N GLU B 25 -11.51 5.96 13.40
CA GLU B 25 -11.77 5.60 12.00
C GLU B 25 -10.51 5.24 11.23
N LEU B 26 -10.72 4.58 10.07
CA LEU B 26 -9.65 4.20 9.14
C LEU B 26 -9.19 5.49 8.47
N LEU B 27 -7.90 5.78 8.59
CA LEU B 27 -7.27 6.95 7.99
C LEU B 27 -6.71 6.59 6.61
N CYS B 28 -6.01 5.43 6.49
CA CYS B 28 -5.31 5.06 5.26
C CYS B 28 -4.69 3.67 5.44
N GLY B 29 -4.11 3.16 4.35
CA GLY B 29 -3.25 1.98 4.39
C GLY B 29 -1.83 2.49 4.53
N ALA B 30 -0.91 1.58 4.72
CA ALA B 30 0.52 1.84 4.90
C ALA B 30 1.22 0.48 4.86
N SER B 31 2.55 0.49 4.94
CA SER B 31 3.31 -0.74 4.90
C SER B 31 4.48 -0.74 5.86
N LEU B 32 4.83 -1.94 6.36
CA LEU B 32 5.94 -2.11 7.29
C LEU B 32 7.23 -2.38 6.51
N ILE B 33 8.23 -1.50 6.65
CA ILE B 33 9.51 -1.66 5.91
C ILE B 33 10.71 -2.13 6.77
N SER B 34 10.55 -2.05 8.09
CA SER B 34 11.53 -2.50 9.09
C SER B 34 10.78 -2.63 10.41
N ASP B 35 11.48 -2.96 11.52
CA ASP B 35 10.80 -3.05 12.80
C ASP B 35 10.39 -1.68 13.36
N ARG B 36 10.91 -0.57 12.76
CA ARG B 36 10.61 0.79 13.23
C ARG B 36 10.11 1.77 12.18
N TRP B 37 10.07 1.39 10.90
CA TRP B 37 9.65 2.33 9.87
C TRP B 37 8.44 1.86 9.10
N VAL B 38 7.50 2.78 8.87
CA VAL B 38 6.26 2.54 8.14
C VAL B 38 6.20 3.52 6.95
N LEU B 39 5.85 3.01 5.76
CA LEU B 39 5.77 3.78 4.53
C LEU B 39 4.31 4.02 4.17
N THR B 40 3.98 5.25 3.75
CA THR B 40 2.62 5.58 3.36
C THR B 40 2.65 6.68 2.27
N ALA B 41 1.46 7.15 1.89
CA ALA B 41 1.32 8.24 0.93
C ALA B 41 1.27 9.54 1.72
N ALA B 42 1.95 10.57 1.21
CA ALA B 42 1.94 11.89 1.87
C ALA B 42 0.52 12.44 2.02
N HIS B 43 -0.38 12.19 1.02
CA HIS B 43 -1.75 12.72 1.09
C HIS B 43 -2.57 12.15 2.22
N CYS B 44 -2.11 11.03 2.83
CA CYS B 44 -2.78 10.45 3.99
C CYS B 44 -2.59 11.36 5.19
N LEU B 45 -1.48 12.10 5.20
CA LEU B 45 -1.10 12.92 6.33
C LEU B 45 -1.28 14.41 6.08
N LEU B 46 -1.02 14.87 4.85
CA LEU B 46 -1.09 16.28 4.51
C LEU B 46 -1.83 16.44 3.24
N TYR B 47 -3.00 17.09 3.31
CA TYR B 47 -3.80 17.37 2.13
C TYR B 47 -4.66 18.63 2.36
N PRO B 48 -4.02 19.82 2.21
CA PRO B 48 -4.76 21.10 2.39
C PRO B 48 -6.11 21.25 1.69
N PRO B 49 -6.36 20.78 0.44
CA PRO B 49 -7.70 20.93 -0.13
C PRO B 49 -8.84 20.37 0.73
N TRP B 50 -8.54 19.35 1.57
CA TRP B 50 -9.55 18.72 2.45
C TRP B 50 -9.27 19.01 3.92
N ASP B 51 -8.43 20.04 4.22
CA ASP B 51 -8.02 20.43 5.59
C ASP B 51 -7.42 19.27 6.39
N LYS B 52 -6.68 18.40 5.68
CA LYS B 52 -6.01 17.26 6.33
C LYS B 52 -4.58 17.68 6.65
N ASN B 53 -4.21 17.62 7.93
CA ASN B 53 -2.87 17.93 8.38
C ASN B 53 -2.67 17.22 9.70
N PHE B 54 -2.45 15.89 9.65
CA PHE B 54 -2.27 15.11 10.87
C PHE B 54 -0.89 15.25 11.48
N THR B 55 -0.84 15.27 12.83
CA THR B 55 0.42 15.27 13.56
C THR B 55 0.59 13.85 14.15
N GLU B 56 1.74 13.56 14.74
CA GLU B 56 2.07 12.25 15.32
C GLU B 56 1.03 11.73 16.30
N ASN B 57 0.57 12.57 17.23
CA ASN B 57 -0.38 12.13 18.26
C ASN B 57 -1.80 11.94 17.80
N ASP B 58 -2.14 12.34 16.55
CA ASP B 58 -3.49 12.18 16.02
C ASP B 58 -3.81 10.76 15.61
N LEU B 59 -2.77 9.95 15.38
CA LEU B 59 -3.01 8.58 14.90
C LEU B 59 -2.19 7.48 15.54
N LEU B 60 -2.60 6.25 15.24
CA LEU B 60 -1.95 5.02 15.66
C LEU B 60 -1.72 4.15 14.42
N VAL B 61 -0.70 3.29 14.46
CA VAL B 61 -0.49 2.33 13.37
C VAL B 61 -0.88 0.95 13.91
N ARG B 62 -1.72 0.22 13.17
CA ARG B 62 -2.18 -1.10 13.60
C ARG B 62 -1.64 -2.14 12.59
N ILE B 63 -0.75 -3.01 13.07
CA ILE B 63 -0.02 -3.99 12.26
C ILE B 63 -0.47 -5.42 12.60
N GLY B 64 -0.48 -6.28 11.59
CA GLY B 64 -0.89 -7.69 11.71
C GLY B 64 -2.38 -7.91 11.62
N LYS B 65 -3.12 -6.92 11.11
CA LYS B 65 -4.57 -6.97 11.03
C LYS B 65 -5.10 -7.73 9.81
N HIS B 66 -6.33 -8.22 9.94
CA HIS B 66 -7.11 -8.88 8.90
C HIS B 66 -8.49 -8.24 8.88
N SER B 67 -9.23 -8.39 9.97
CA SER B 67 -10.53 -7.75 10.15
C SER B 67 -10.36 -6.24 10.14
N ARG B 68 -11.26 -5.52 9.47
CA ARG B 68 -11.22 -4.06 9.41
C ARG B 68 -11.55 -3.41 10.77
N THR B 69 -12.70 -3.78 11.36
CA THR B 69 -13.21 -3.16 12.59
C THR B 69 -12.84 -3.76 13.94
N ARG B 70 -12.61 -5.08 14.01
CA ARG B 70 -12.34 -5.71 15.30
C ARG B 70 -10.99 -5.44 15.88
N TYR B 71 -10.89 -5.49 17.23
CA TYR B 71 -9.63 -5.41 17.92
C TYR B 71 -9.13 -6.87 17.97
N GLU B 72 -8.13 -7.17 17.14
CA GLU B 72 -7.62 -8.54 16.99
C GLU B 72 -6.60 -8.88 18.04
N ARG B 73 -7.14 -9.17 19.24
CA ARG B 73 -6.42 -9.49 20.45
C ARG B 73 -5.45 -10.64 20.21
N ASN B 74 -4.17 -10.49 20.62
CA ASN B 74 -3.04 -11.44 20.53
C ASN B 74 -2.49 -11.59 19.10
N ILE B 75 -2.99 -10.78 18.17
CA ILE B 75 -2.60 -10.87 16.76
C ILE B 75 -2.07 -9.54 16.30
N GLU B 76 -2.96 -8.54 16.30
CA GLU B 76 -2.52 -7.20 15.91
C GLU B 76 -1.69 -6.55 16.98
N LYS B 77 -0.79 -5.65 16.56
CA LYS B 77 0.02 -4.83 17.44
C LYS B 77 -0.23 -3.36 17.08
N ILE B 78 -0.48 -2.54 18.12
CA ILE B 78 -0.77 -1.11 17.94
C ILE B 78 0.46 -0.31 18.35
N SER B 79 0.96 0.54 17.45
CA SER B 79 2.15 1.33 17.72
C SER B 79 1.88 2.84 17.64
N MET B 80 2.66 3.61 18.39
CA MET B 80 2.57 5.05 18.40
C MET B 80 3.64 5.60 17.51
N LEU B 81 3.41 6.80 16.99
CA LEU B 81 4.39 7.45 16.12
C LEU B 81 5.29 8.37 16.86
N GLU B 82 6.58 8.22 16.61
CA GLU B 82 7.63 9.09 17.13
C GLU B 82 7.69 10.34 16.23
N LYS B 83 7.77 10.14 14.88
CA LYS B 83 7.90 11.26 13.95
C LYS B 83 7.42 10.90 12.53
N ILE B 84 6.76 11.87 11.87
CA ILE B 84 6.32 11.78 10.48
C ILE B 84 7.33 12.55 9.62
N TYR B 85 7.64 12.03 8.42
CA TYR B 85 8.54 12.67 7.46
C TYR B 85 7.83 12.67 6.13
N ILE B 86 7.43 13.85 5.65
CA ILE B 86 6.76 13.98 4.34
C ILE B 86 7.82 14.38 3.30
N HIS B 87 7.77 13.83 2.05
CA HIS B 87 8.74 14.24 1.03
C HIS B 87 8.72 15.78 0.90
N PRO B 88 9.88 16.48 0.92
CA PRO B 88 9.83 17.96 0.85
C PRO B 88 9.31 18.49 -0.48
N ARG B 89 9.32 17.66 -1.53
CA ARG B 89 8.82 18.08 -2.83
C ARG B 89 7.48 17.45 -3.22
N TYR B 90 6.73 16.95 -2.21
CA TYR B 90 5.39 16.42 -2.41
C TYR B 90 4.48 17.55 -3.01
N ASN B 91 3.85 17.29 -4.17
CA ASN B 91 3.01 18.26 -4.87
C ASN B 91 1.52 18.00 -4.64
N TRP B 92 0.97 18.52 -3.55
CA TRP B 92 -0.46 18.34 -3.26
C TRP B 92 -1.34 19.28 -4.05
N ARG B 93 -0.75 20.35 -4.63
CA ARG B 93 -1.55 21.37 -5.35
C ARG B 93 -2.10 20.89 -6.68
N GLU B 94 -1.35 20.02 -7.36
CA GLU B 94 -1.70 19.63 -8.71
C GLU B 94 -2.02 18.16 -8.94
N ASN B 95 -1.02 17.29 -8.81
CA ASN B 95 -1.15 15.89 -9.22
C ASN B 95 -0.64 14.87 -8.24
N LEU B 96 -0.34 15.28 -6.98
CA LEU B 96 0.18 14.36 -5.96
C LEU B 96 1.55 13.80 -6.35
N ASP B 97 2.36 14.63 -7.04
CA ASP B 97 3.71 14.21 -7.43
C ASP B 97 4.52 14.02 -6.12
N ARG B 98 5.30 12.93 -6.06
CA ARG B 98 6.09 12.48 -4.91
C ARG B 98 5.18 12.26 -3.69
N ASP B 99 4.11 11.49 -3.87
CA ASP B 99 3.11 11.22 -2.82
C ASP B 99 3.66 10.13 -1.91
N ILE B 100 4.55 10.52 -1.00
CA ILE B 100 5.25 9.57 -0.15
C ILE B 100 5.57 10.17 1.19
N ALA B 101 5.46 9.34 2.24
CA ALA B 101 5.80 9.75 3.58
C ALA B 101 6.32 8.58 4.38
N LEU B 102 7.19 8.86 5.35
CA LEU B 102 7.69 7.87 6.29
C LEU B 102 7.23 8.22 7.71
N MET B 103 7.00 7.20 8.53
CA MET B 103 6.63 7.33 9.92
C MET B 103 7.53 6.41 10.74
N LYS B 104 8.25 7.01 11.70
CA LYS B 104 9.12 6.28 12.62
C LYS B 104 8.27 5.92 13.84
N LEU B 105 8.38 4.64 14.26
CA LEU B 105 7.62 4.15 15.40
C LEU B 105 8.36 4.46 16.69
N LYS B 106 7.60 4.71 17.76
CA LYS B 106 8.20 5.00 19.07
C LYS B 106 9.03 3.79 19.55
N LYS B 107 8.48 2.57 19.36
CA LYS B 107 9.14 1.34 19.77
C LYS B 107 9.22 0.35 18.59
N PRO B 108 10.22 -0.55 18.55
CA PRO B 108 10.23 -1.55 17.47
C PRO B 108 9.06 -2.55 17.60
N VAL B 109 8.49 -2.93 16.45
CA VAL B 109 7.39 -3.90 16.43
C VAL B 109 8.00 -5.29 16.41
N ALA B 110 7.39 -6.24 17.15
CA ALA B 110 7.91 -7.60 17.14
C ALA B 110 7.30 -8.32 15.95
N PHE B 111 8.13 -9.02 15.18
CA PHE B 111 7.64 -9.78 14.02
C PHE B 111 6.99 -11.06 14.49
N SER B 112 6.01 -11.54 13.72
CA SER B 112 5.23 -12.73 14.05
C SER B 112 4.80 -13.35 12.75
N ASP B 113 3.87 -14.33 12.82
CA ASP B 113 3.32 -14.93 11.60
C ASP B 113 2.50 -13.93 10.76
N TYR B 114 1.99 -12.88 11.41
CA TYR B 114 1.09 -11.89 10.83
C TYR B 114 1.74 -10.52 10.57
N ILE B 115 2.97 -10.33 11.09
CA ILE B 115 3.74 -9.06 11.06
C ILE B 115 5.12 -9.32 10.52
N HIS B 116 5.42 -8.79 9.33
CA HIS B 116 6.70 -9.03 8.68
C HIS B 116 6.96 -7.93 7.65
N PRO B 117 8.18 -7.39 7.53
CA PRO B 117 8.38 -6.31 6.57
C PRO B 117 8.46 -6.78 5.11
N VAL B 118 8.05 -5.88 4.21
CA VAL B 118 8.17 -6.11 2.77
C VAL B 118 9.55 -5.54 2.34
N CYS B 119 10.12 -5.99 1.22
CA CYS B 119 11.36 -5.42 0.70
C CYS B 119 11.09 -4.16 -0.08
N LEU B 120 12.12 -3.29 -0.13
CA LEU B 120 12.09 -2.13 -1.04
C LEU B 120 12.97 -2.47 -2.22
N PRO B 121 12.55 -2.12 -3.46
CA PRO B 121 13.35 -2.51 -4.62
C PRO B 121 14.64 -1.72 -4.83
N ASP B 122 15.62 -2.36 -5.47
CA ASP B 122 16.83 -1.67 -5.90
C ASP B 122 16.66 -1.38 -7.39
N ARG B 123 17.63 -0.71 -8.04
CA ARG B 123 17.53 -0.36 -9.47
C ARG B 123 17.20 -1.53 -10.38
N GLU B 124 17.85 -2.69 -10.14
CA GLU B 124 17.65 -3.88 -10.96
C GLU B 124 16.27 -4.51 -10.78
N THR B 125 15.75 -4.54 -9.53
CA THR B 125 14.42 -5.07 -9.23
C THR B 125 13.39 -4.29 -10.02
N ALA B 126 13.45 -2.94 -9.89
CA ALA B 126 12.56 -2.00 -10.59
C ALA B 126 12.66 -2.16 -12.09
N ALA B 127 13.88 -2.25 -12.65
CA ALA B 127 14.03 -2.41 -14.09
C ALA B 127 13.44 -3.73 -14.60
N SER B 128 13.63 -4.82 -13.85
CA SER B 128 13.12 -6.13 -14.24
C SER B 128 11.62 -6.35 -14.07
N LEU B 129 10.99 -5.72 -13.05
CA LEU B 129 9.57 -5.94 -12.76
C LEU B 129 8.59 -4.86 -13.24
N LEU B 130 9.03 -3.61 -13.30
CA LEU B 130 8.15 -2.49 -13.69
C LEU B 130 7.97 -2.37 -15.18
N GLN B 131 7.24 -3.34 -15.71
CA GLN B 131 7.00 -3.54 -17.14
C GLN B 131 5.54 -3.64 -17.40
N ALA B 132 5.07 -2.96 -18.46
CA ALA B 132 3.67 -3.05 -18.90
C ALA B 132 3.23 -4.53 -19.05
N GLY B 133 2.08 -4.87 -18.47
CA GLY B 133 1.55 -6.23 -18.49
C GLY B 133 1.87 -7.06 -17.25
N TYR B 134 3.01 -6.77 -16.60
CA TYR B 134 3.44 -7.46 -15.36
C TYR B 134 2.48 -7.06 -14.26
N LYS B 135 1.97 -8.04 -13.52
CA LYS B 135 1.00 -7.77 -12.47
C LYS B 135 1.61 -7.57 -11.11
N GLY B 136 0.99 -6.66 -10.38
CA GLY B 136 1.30 -6.41 -8.98
C GLY B 136 0.04 -6.68 -8.18
N ARG B 137 0.14 -6.51 -6.86
CA ARG B 137 -0.95 -6.79 -5.94
C ARG B 137 -1.18 -5.59 -5.03
N VAL B 138 -2.46 -5.17 -4.92
CA VAL B 138 -2.84 -4.05 -4.08
C VAL B 138 -3.76 -4.56 -2.97
N THR B 139 -3.56 -4.09 -1.74
CA THR B 139 -4.34 -4.50 -0.58
C THR B 139 -4.85 -3.29 0.20
N GLY B 140 -6.01 -3.45 0.84
CA GLY B 140 -6.53 -2.36 1.66
C GLY B 140 -7.90 -2.62 2.26
N TRP B 141 -8.31 -1.75 3.20
CA TRP B 141 -9.61 -1.84 3.85
C TRP B 141 -10.53 -0.73 3.37
N GLY B 142 -10.20 -0.14 2.23
CA GLY B 142 -11.00 0.95 1.66
C GLY B 142 -12.30 0.49 1.04
N ASN B 143 -13.03 1.46 0.47
CA ASN B 143 -14.33 1.25 -0.14
C ASN B 143 -14.38 0.10 -1.14
N LEU B 144 -15.47 -0.70 -1.06
CA LEU B 144 -15.72 -1.78 -2.01
C LEU B 144 -16.30 -1.25 -3.31
N LYS B 145 -16.85 -0.03 -3.27
CA LYS B 145 -17.46 0.59 -4.45
C LYS B 145 -17.16 2.08 -4.42
N GLU B 146 -17.13 2.70 -5.60
CA GLU B 146 -16.88 4.15 -5.72
C GLU B 146 -17.93 4.94 -4.92
N THR B 147 -19.22 4.59 -5.10
CA THR B 147 -20.37 5.20 -4.44
C THR B 147 -20.87 4.27 -3.31
N TRP B 148 -21.40 3.19 -3.62
N GLY B 155 -20.27 -1.21 0.27
CA GLY B 155 -19.90 -0.46 1.47
C GLY B 155 -18.43 -0.64 1.85
N GLN B 156 -18.23 -1.10 3.07
CA GLN B 156 -16.92 -1.33 3.66
C GLN B 156 -16.72 -2.80 3.87
N PRO B 157 -15.50 -3.31 3.60
CA PRO B 157 -15.27 -4.76 3.79
C PRO B 157 -15.20 -5.15 5.25
N SER B 158 -15.49 -6.43 5.55
CA SER B 158 -15.31 -6.96 6.91
C SER B 158 -13.83 -7.30 7.09
N VAL B 159 -13.14 -7.78 6.03
CA VAL B 159 -11.72 -8.14 6.15
C VAL B 159 -10.84 -7.47 5.06
N LEU B 160 -9.53 -7.54 5.23
CA LEU B 160 -8.56 -7.00 4.24
C LEU B 160 -8.89 -7.53 2.83
N GLN B 161 -8.88 -6.63 1.84
CA GLN B 161 -9.18 -7.00 0.45
C GLN B 161 -7.91 -7.03 -0.38
N VAL B 162 -7.89 -7.87 -1.43
CA VAL B 162 -6.75 -8.05 -2.35
C VAL B 162 -7.21 -8.03 -3.79
N VAL B 163 -6.40 -7.44 -4.66
CA VAL B 163 -6.62 -7.44 -6.10
C VAL B 163 -5.28 -7.43 -6.81
N ASN B 164 -5.16 -8.26 -7.86
CA ASN B 164 -3.98 -8.30 -8.71
C ASN B 164 -4.28 -7.50 -9.96
N LEU B 165 -3.37 -6.61 -10.35
CA LEU B 165 -3.57 -5.69 -11.47
C LEU B 165 -2.31 -5.52 -12.30
N PRO B 166 -2.49 -5.46 -13.65
CA PRO B 166 -1.33 -5.27 -14.53
C PRO B 166 -0.90 -3.82 -14.63
N ILE B 167 0.42 -3.60 -14.73
CA ILE B 167 1.03 -2.27 -14.92
C ILE B 167 0.64 -1.88 -16.35
N VAL B 168 0.27 -0.62 -16.56
CA VAL B 168 -0.21 -0.15 -17.86
C VAL B 168 0.86 0.70 -18.53
N GLU B 169 0.95 0.64 -19.89
CA GLU B 169 1.88 1.40 -20.73
C GLU B 169 1.74 2.88 -20.38
N ARG B 170 2.88 3.62 -20.26
CA ARG B 170 2.85 5.06 -19.91
C ARG B 170 1.94 5.89 -20.88
N PRO B 171 2.00 5.70 -22.21
CA PRO B 171 1.08 6.44 -23.11
C PRO B 171 -0.40 6.20 -22.81
N VAL B 172 -0.79 4.95 -22.50
CA VAL B 172 -2.17 4.60 -22.17
C VAL B 172 -2.60 5.30 -20.86
N CYS B 173 -1.71 5.33 -19.82
CA CYS B 173 -1.94 6.04 -18.56
C CYS B 173 -2.22 7.53 -18.85
N LYS B 174 -1.30 8.16 -19.60
CA LYS B 174 -1.34 9.57 -19.99
C LYS B 174 -2.65 9.92 -20.73
N ASP B 175 -3.07 9.05 -21.67
CA ASP B 175 -4.27 9.23 -22.50
C ASP B 175 -5.60 8.97 -21.82
N SER B 176 -5.57 8.46 -20.57
CA SER B 176 -6.77 8.16 -19.83
C SER B 176 -7.22 9.36 -18.99
N THR B 177 -6.35 10.37 -18.85
CA THR B 177 -6.63 11.47 -17.92
C THR B 177 -6.23 12.83 -18.46
N ARG B 178 -6.79 13.91 -17.89
CA ARG B 178 -6.38 15.27 -18.22
C ARG B 178 -5.29 15.70 -17.25
N ILE B 179 -5.02 14.90 -16.20
CA ILE B 179 -4.00 15.24 -15.19
C ILE B 179 -2.60 14.98 -15.76
N ARG B 180 -1.64 15.84 -15.45
CA ARG B 180 -0.27 15.64 -15.90
C ARG B 180 0.39 14.50 -15.09
N ILE B 181 0.89 13.47 -15.78
CA ILE B 181 1.55 12.31 -15.15
C ILE B 181 3.04 12.53 -15.07
N THR B 182 3.68 12.18 -13.94
CA THR B 182 5.12 12.39 -13.83
C THR B 182 5.86 11.06 -13.84
N ASP B 183 7.20 11.12 -13.85
CA ASP B 183 8.03 9.92 -13.81
C ASP B 183 8.00 9.26 -12.43
N ASN B 184 7.44 9.96 -11.43
CA ASN B 184 7.35 9.46 -10.04
C ASN B 184 6.07 8.69 -9.82
N MET B 185 5.33 8.41 -10.90
CA MET B 185 4.06 7.70 -10.85
C MET B 185 4.04 6.62 -11.89
N PHE B 186 3.18 5.62 -11.65
CA PHE B 186 2.85 4.65 -12.67
C PHE B 186 1.38 4.32 -12.51
N CYS B 187 0.76 3.75 -13.56
CA CYS B 187 -0.63 3.39 -13.45
C CYS B 187 -0.85 1.89 -13.71
N ALA B 188 -1.89 1.32 -13.12
CA ALA B 188 -2.18 -0.10 -13.22
C ALA B 188 -3.69 -0.32 -13.23
N GLY B 189 -4.07 -1.42 -13.85
CA GLY B 189 -5.46 -1.81 -13.98
C GLY B 189 -5.73 -2.40 -15.34
N TYR B 190 -6.87 -3.05 -15.45
CA TYR B 190 -7.28 -3.67 -16.70
C TYR B 190 -7.92 -2.66 -17.65
N LYS B 191 -7.82 -2.94 -18.95
CA LYS B 191 -8.42 -2.13 -20.01
C LYS B 191 -9.88 -2.61 -20.20
N PRO B 192 -10.81 -1.78 -20.73
CA PRO B 192 -12.18 -2.25 -20.97
C PRO B 192 -12.25 -3.53 -21.81
N ASP B 193 -11.32 -3.70 -22.78
CA ASP B 193 -11.23 -4.87 -23.66
C ASP B 193 -10.71 -6.15 -22.96
N GLU B 194 -10.09 -6.01 -21.77
CA GLU B 194 -9.54 -7.14 -20.99
C GLU B 194 -10.60 -7.98 -20.25
N GLY B 195 -11.79 -7.39 -20.02
CA GLY B 195 -12.89 -8.07 -19.33
C GLY B 195 -12.82 -8.02 -17.82
N LYS B 196 -11.63 -8.35 -17.25
CA LYS B 196 -11.34 -8.37 -15.82
C LYS B 196 -11.37 -6.96 -15.24
N ARG B 197 -11.72 -6.85 -13.94
CA ARG B 197 -11.87 -5.56 -13.26
C ARG B 197 -10.96 -5.46 -12.04
N GLY B 198 -11.10 -4.35 -11.33
CA GLY B 198 -10.37 -4.15 -10.08
C GLY B 198 -9.66 -2.82 -9.99
N ASP B 199 -9.62 -2.29 -8.77
CA ASP B 199 -8.95 -1.01 -8.48
C ASP B 199 -8.89 -0.77 -7.00
N ALA B 200 -8.00 0.15 -6.61
CA ALA B 200 -7.93 0.65 -5.27
C ALA B 200 -9.05 1.72 -5.20
N CYS B 201 -9.39 2.20 -4.02
CA CYS B 201 -10.43 3.22 -3.88
C CYS B 201 -10.14 4.03 -2.62
N GLU B 202 -11.04 4.99 -2.26
CA GLU B 202 -10.89 5.77 -1.01
C GLU B 202 -10.71 4.83 0.19
N GLY B 203 -9.75 5.15 1.05
CA GLY B 203 -9.40 4.36 2.22
C GLY B 203 -8.25 3.39 1.96
N ASP B 204 -7.92 3.10 0.67
CA ASP B 204 -6.78 2.22 0.28
C ASP B 204 -5.51 3.01 0.10
N SER B 205 -5.65 4.35 0.07
CA SER B 205 -4.51 5.26 -0.08
C SER B 205 -3.42 4.92 0.89
N GLY B 206 -2.16 5.00 0.43
CA GLY B 206 -1.02 4.76 1.30
C GLY B 206 -0.64 3.30 1.40
N GLY B 207 -1.51 2.42 0.91
CA GLY B 207 -1.25 0.99 0.96
C GLY B 207 -0.26 0.58 -0.11
N PRO B 208 0.24 -0.67 -0.03
CA PRO B 208 1.26 -1.11 -0.97
C PRO B 208 0.77 -1.72 -2.27
N PHE B 209 1.53 -1.50 -3.37
CA PHE B 209 1.39 -2.20 -4.66
C PHE B 209 2.66 -3.09 -4.66
N VAL B 210 2.49 -4.41 -4.49
CA VAL B 210 3.64 -5.33 -4.37
C VAL B 210 3.77 -6.28 -5.56
N MET B 211 4.98 -6.78 -5.77
CA MET B 211 5.26 -7.78 -6.81
C MET B 211 6.19 -8.84 -6.22
N LYS B 212 6.03 -10.10 -6.64
CA LYS B 212 6.90 -11.17 -6.13
C LYS B 212 7.98 -11.45 -7.13
N SER B 213 9.23 -11.14 -6.77
CA SER B 213 10.32 -11.35 -7.69
C SER B 213 10.44 -12.85 -8.08
N PRO B 214 10.44 -13.16 -9.39
CA PRO B 214 10.64 -14.56 -9.81
C PRO B 214 12.11 -15.01 -9.70
N PHE B 215 13.01 -14.09 -9.39
CA PHE B 215 14.45 -14.32 -9.25
C PHE B 215 14.83 -14.77 -7.86
N ASN B 216 14.29 -14.10 -6.82
CA ASN B 216 14.66 -14.49 -5.44
C ASN B 216 13.47 -14.86 -4.56
N ASN B 217 12.27 -14.88 -5.16
CA ASN B 217 11.00 -15.26 -4.55
C ASN B 217 10.59 -14.39 -3.37
N ARG B 218 11.05 -13.12 -3.36
CA ARG B 218 10.71 -12.17 -2.29
C ARG B 218 9.73 -11.13 -2.80
N TRP B 219 8.88 -10.65 -1.91
CA TRP B 219 7.92 -9.61 -2.26
C TRP B 219 8.57 -8.25 -2.12
N TYR B 220 8.38 -7.41 -3.15
CA TYR B 220 8.87 -6.05 -3.23
C TYR B 220 7.74 -5.04 -3.34
N GLN B 221 7.85 -3.93 -2.60
CA GLN B 221 6.86 -2.86 -2.73
C GLN B 221 7.31 -1.94 -3.83
N MET B 222 6.61 -2.00 -4.95
CA MET B 222 6.94 -1.19 -6.11
C MET B 222 6.18 0.14 -6.10
N GLY B 223 4.99 0.14 -5.51
CA GLY B 223 4.13 1.32 -5.53
C GLY B 223 3.40 1.62 -4.25
N ILE B 224 2.86 2.84 -4.15
CA ILE B 224 2.01 3.26 -3.04
C ILE B 224 0.69 3.70 -3.64
N VAL B 225 -0.46 3.21 -3.11
CA VAL B 225 -1.75 3.69 -3.61
C VAL B 225 -1.81 5.21 -3.47
N SER B 226 -1.95 5.94 -4.61
CA SER B 226 -1.90 7.41 -4.58
C SER B 226 -3.20 8.07 -4.99
N TRP B 227 -3.61 7.90 -6.23
CA TRP B 227 -4.83 8.58 -6.67
C TRP B 227 -5.51 7.91 -7.83
N GLY B 228 -6.68 8.41 -8.14
CA GLY B 228 -7.49 7.98 -9.26
C GLY B 228 -8.61 8.97 -9.45
N GLU B 229 -9.40 8.76 -10.47
CA GLU B 229 -10.57 9.62 -10.74
C GLU B 229 -11.74 8.65 -10.73
N GLY B 230 -12.39 8.59 -9.59
CA GLY B 230 -13.40 7.59 -9.31
C GLY B 230 -12.70 6.29 -8.93
N CYS B 231 -13.42 5.17 -8.99
CA CYS B 231 -12.87 3.84 -8.66
C CYS B 231 -13.40 2.83 -9.63
N ASP B 232 -12.48 2.03 -10.24
CA ASP B 232 -12.83 0.96 -11.16
C ASP B 232 -13.70 1.39 -12.37
N ARG B 233 -13.48 2.60 -12.87
CA ARG B 233 -14.20 3.09 -14.05
C ARG B 233 -13.51 2.58 -15.28
N ASP B 234 -14.30 2.22 -16.31
CA ASP B 234 -13.79 1.77 -17.61
C ASP B 234 -12.96 2.87 -18.24
N GLY B 235 -11.80 2.51 -18.78
CA GLY B 235 -10.90 3.47 -19.42
C GLY B 235 -10.08 4.33 -18.48
N LYS B 236 -10.25 4.15 -17.14
CA LYS B 236 -9.49 4.87 -16.11
C LYS B 236 -8.59 3.84 -15.40
N TYR B 237 -7.50 4.33 -14.77
CA TYR B 237 -6.53 3.47 -14.09
C TYR B 237 -6.16 4.06 -12.77
N GLY B 238 -5.72 3.21 -11.84
CA GLY B 238 -5.24 3.67 -10.56
C GLY B 238 -3.82 4.15 -10.69
N PHE B 239 -3.47 5.22 -9.97
CA PHE B 239 -2.11 5.76 -10.00
C PHE B 239 -1.40 5.47 -8.70
N TYR B 240 -0.12 5.14 -8.82
CA TYR B 240 0.72 4.71 -7.73
C TYR B 240 2.01 5.48 -7.66
N THR B 241 2.47 5.78 -6.45
CA THR B 241 3.76 6.42 -6.27
C THR B 241 4.84 5.39 -6.66
N HIS B 242 5.81 5.79 -7.49
CA HIS B 242 6.92 4.91 -7.94
C HIS B 242 7.98 4.89 -6.82
N VAL B 243 7.95 3.83 -5.98
CA VAL B 243 8.82 3.71 -4.79
C VAL B 243 10.31 3.79 -5.14
N PHE B 244 10.76 3.02 -6.14
CA PHE B 244 12.19 3.05 -6.50
C PHE B 244 12.67 4.48 -6.89
N ARG B 245 11.86 5.22 -7.65
CA ARG B 245 12.21 6.59 -8.08
C ARG B 245 12.47 7.52 -6.90
N LEU B 246 11.89 7.20 -5.72
CA LEU B 246 12.03 8.02 -4.52
C LEU B 246 12.85 7.35 -3.44
N LYS B 247 13.56 6.25 -3.79
CA LYS B 247 14.36 5.53 -2.81
C LYS B 247 15.50 6.36 -2.19
N LYS B 248 16.13 7.25 -2.98
CA LYS B 248 17.20 8.11 -2.46
C LYS B 248 16.70 8.95 -1.29
N TRP B 249 15.45 9.49 -1.39
CA TRP B 249 14.84 10.24 -0.27
C TRP B 249 14.60 9.30 0.92
N ILE B 250 14.04 8.09 0.66
CA ILE B 250 13.78 7.08 1.69
C ILE B 250 15.05 6.79 2.48
N GLN B 251 16.12 6.45 1.77
CA GLN B 251 17.40 6.10 2.36
C GLN B 251 17.98 7.23 3.18
N LYS B 252 17.93 8.48 2.64
CA LYS B 252 18.41 9.69 3.32
C LYS B 252 17.71 9.88 4.66
N VAL B 253 16.36 9.73 4.69
CA VAL B 253 15.57 9.86 5.93
C VAL B 253 15.93 8.76 6.93
N ILE B 254 16.02 7.50 6.46
CA ILE B 254 16.34 6.38 7.34
C ILE B 254 17.79 6.50 7.86
N ASP B 255 18.76 6.85 6.99
CA ASP B 255 20.17 7.07 7.41
C ASP B 255 20.25 8.19 8.46
N GLN B 256 19.33 9.17 8.36
CA GLN B 256 19.03 10.31 9.26
C GLN B 256 19.86 11.55 9.05
N PHE B 257 22.35 10.56 11.73
N ASP C 3 -18.12 2.22 13.68
CA ASP C 3 -18.34 0.79 13.85
C ASP C 3 -17.06 0.04 14.25
N PHE C 4 -16.06 0.77 14.77
CA PHE C 4 -14.81 0.18 15.21
C PHE C 4 -14.85 -0.23 16.66
N GLU C 5 -14.42 -1.47 16.93
CA GLU C 5 -14.36 -2.00 18.28
C GLU C 5 -13.33 -1.22 19.04
N GLU C 6 -13.64 -0.91 20.32
CA GLU C 6 -12.74 -0.15 21.18
C GLU C 6 -11.42 -0.89 21.34
N ILE C 7 -10.34 -0.13 21.35
CA ILE C 7 -9.01 -0.65 21.52
C ILE C 7 -8.58 -0.41 22.98
N PRO C 8 -7.72 -1.28 23.56
CA PRO C 8 -7.31 -1.09 24.97
C PRO C 8 -6.78 0.30 25.28
N GLU C 9 -7.20 0.82 26.44
CA GLU C 9 -6.83 2.14 26.95
C GLU C 9 -5.36 2.45 26.93
N GLU C 10 -4.50 1.41 27.08
CA GLU C 10 -3.04 1.51 27.05
C GLU C 10 -2.50 2.16 25.76
N LEU C 12 -3.74 4.81 24.41
CA LEU C 12 -4.18 6.22 24.55
C LEU C 12 -5.47 6.50 23.78
#